data_8V9W
#
_entry.id   8V9W
#
_cell.length_a   85.431
_cell.length_b   97.138
_cell.length_c   57.578
_cell.angle_alpha   90.00
_cell.angle_beta   90.00
_cell.angle_gamma   90.00
#
_symmetry.space_group_name_H-M   'P 21 21 2'
#
loop_
_entity.id
_entity.type
_entity.pdbx_description
1 polymer JGFN4
2 non-polymer N-phenyl-N-[1-(2-phenylethyl)piperidin-4-yl]propanamide
3 non-polymer 1,2-ETHANEDIOL
4 water water
#
_entity_poly.entity_id   1
_entity_poly.type   'polypeptide(L)'
_entity_poly.pdbx_seq_one_letter_code
;MQVQLVESGGGLAQAGGSLQLSCAASGSTSRVNAMGWYRQTPGKERELVAAIDRSGATVYSESVRGRFTISKNDAKNIVW
LQMNNLTTEDTAVYYCRSGVLGSWGLGTQVTVSSHHHHHH
;
_entity_poly.pdbx_strand_id   A,B,C,D
#
loop_
_chem_comp.id
_chem_comp.type
_chem_comp.name
_chem_comp.formula
7V7 non-polymer N-phenyl-N-[1-(2-phenylethyl)piperidin-4-yl]propanamide 'C22 H28 N2 O'
EDO non-polymer 1,2-ETHANEDIOL 'C2 H6 O2'
#
# COMPACT_ATOMS: atom_id res chain seq x y z
N GLN A 2 -14.95 0.83 18.77
CA GLN A 2 -14.67 2.17 19.29
C GLN A 2 -14.41 3.20 18.17
N VAL A 3 -14.14 2.70 16.96
CA VAL A 3 -14.13 3.56 15.77
C VAL A 3 -15.50 4.19 15.57
N GLN A 4 -15.56 5.51 15.33
CA GLN A 4 -16.81 6.16 14.99
C GLN A 4 -16.73 6.76 13.61
N LEU A 5 -17.80 6.56 12.83
CA LEU A 5 -17.90 7.01 11.45
C LEU A 5 -19.05 7.99 11.30
N VAL A 6 -18.84 9.06 10.53
CA VAL A 6 -19.87 10.07 10.29
C VAL A 6 -19.92 10.38 8.80
N GLU A 7 -21.06 10.08 8.16
CA GLU A 7 -21.22 10.35 6.74
C GLU A 7 -21.81 11.74 6.50
N SER A 8 -21.35 12.37 5.43
CA SER A 8 -21.96 13.64 5.05
C SER A 8 -21.97 13.79 3.52
N GLY A 9 -22.73 14.76 3.05
CA GLY A 9 -22.69 15.19 1.68
C GLY A 9 -23.85 14.70 0.83
N GLY A 10 -24.75 13.92 1.43
CA GLY A 10 -25.94 13.54 0.71
C GLY A 10 -26.86 14.73 0.47
N GLY A 11 -27.75 14.60 -0.49
CA GLY A 11 -28.72 15.66 -0.71
C GLY A 11 -29.47 15.32 -1.98
N LEU A 12 -30.09 16.33 -2.56
CA LEU A 12 -30.87 16.22 -3.77
C LEU A 12 -29.99 16.53 -4.95
N ALA A 13 -29.88 15.57 -5.87
CA ALA A 13 -29.10 15.77 -7.08
C ALA A 13 -30.06 15.70 -8.24
N GLN A 14 -29.69 16.41 -9.29
CA GLN A 14 -30.42 16.48 -10.53
C GLN A 14 -29.99 15.29 -11.38
N ALA A 15 -30.92 14.77 -12.18
CA ALA A 15 -30.58 13.67 -13.06
C ALA A 15 -29.33 14.02 -13.87
N GLY A 16 -28.36 13.10 -13.89
CA GLY A 16 -27.10 13.35 -14.56
C GLY A 16 -26.09 14.16 -13.78
N GLY A 17 -26.41 14.61 -12.56
CA GLY A 17 -25.49 15.37 -11.75
C GLY A 17 -24.54 14.50 -10.94
N SER A 18 -23.76 15.18 -10.09
CA SER A 18 -22.71 14.55 -9.31
C SER A 18 -22.87 14.96 -7.86
N LEU A 19 -22.37 14.10 -6.98
CA LEU A 19 -22.34 14.34 -5.55
C LEU A 19 -21.03 13.82 -5.02
N GLN A 20 -20.49 14.45 -3.98
CA GLN A 20 -19.35 13.86 -3.30
C GLN A 20 -19.74 13.60 -1.84
N LEU A 21 -19.70 12.34 -1.44
CA LEU A 21 -19.94 12.02 -0.04
C LEU A 21 -18.62 12.00 0.71
N SER A 22 -18.67 12.27 2.01
CA SER A 22 -17.49 12.09 2.85
C SER A 22 -17.85 11.29 4.10
N CYS A 23 -16.83 10.60 4.62
CA CYS A 23 -16.99 9.84 5.85
C CYS A 23 -15.77 10.11 6.70
N ALA A 24 -16.00 10.66 7.90
CA ALA A 24 -14.94 11.01 8.85
C ALA A 24 -14.88 9.93 9.92
N ALA A 25 -13.70 9.36 10.11
CA ALA A 25 -13.48 8.32 11.10
C ALA A 25 -12.79 8.95 12.29
N SER A 26 -13.18 8.51 13.49
CA SER A 26 -12.51 8.97 14.71
C SER A 26 -12.53 7.83 15.71
N GLY A 27 -11.90 8.07 16.88
CA GLY A 27 -11.64 7.01 17.81
C GLY A 27 -10.31 6.37 17.46
N SER A 28 -10.15 5.13 17.89
CA SER A 28 -8.88 4.43 17.68
C SER A 28 -8.88 3.84 16.28
N THR A 29 -8.21 4.51 15.36
CA THR A 29 -8.25 4.12 13.97
C THR A 29 -6.93 3.50 13.46
N SER A 30 -5.93 3.30 14.32
CA SER A 30 -4.62 2.88 13.81
C SER A 30 -4.68 1.52 13.10
N ARG A 31 -5.58 0.61 13.51
CA ARG A 31 -5.62 -0.70 12.87
C ARG A 31 -6.50 -0.74 11.63
N VAL A 32 -7.32 0.27 11.43
CA VAL A 32 -8.25 0.28 10.31
C VAL A 32 -7.45 0.41 9.01
N ASN A 33 -7.53 -0.62 8.17
CA ASN A 33 -6.74 -0.63 6.95
C ASN A 33 -7.61 -0.88 5.73
N ALA A 34 -8.92 -0.72 5.89
CA ALA A 34 -9.82 -0.79 4.74
C ALA A 34 -11.05 0.05 5.05
N MET A 35 -11.64 0.67 4.03
CA MET A 35 -12.92 1.41 4.23
C MET A 35 -13.83 1.14 3.03
N GLY A 36 -15.13 1.15 3.26
CA GLY A 36 -16.05 0.80 2.20
C GLY A 36 -17.27 1.71 2.25
N TRP A 37 -17.85 1.96 1.08
CA TRP A 37 -19.15 2.61 0.95
C TRP A 37 -20.20 1.60 0.52
N TYR A 38 -21.35 1.68 1.18
CA TYR A 38 -22.47 0.79 0.94
C TYR A 38 -23.71 1.63 0.65
N ARG A 39 -24.67 1.02 -0.03
CA ARG A 39 -25.92 1.75 -0.14
C ARG A 39 -27.10 0.83 0.09
N GLN A 40 -28.19 1.40 0.55
CA GLN A 40 -29.38 0.64 0.84
C GLN A 40 -30.50 1.31 0.02
N THR A 41 -30.79 0.73 -1.13
CA THR A 41 -31.93 1.16 -1.93
C THR A 41 -33.22 0.80 -1.21
N PRO A 42 -34.25 1.63 -1.29
CA PRO A 42 -35.54 1.30 -0.61
C PRO A 42 -36.01 -0.12 -0.91
N GLY A 43 -36.34 -0.87 0.14
CA GLY A 43 -36.81 -2.23 0.05
C GLY A 43 -35.72 -3.31 -0.09
N LYS A 44 -34.47 -2.95 -0.30
CA LYS A 44 -33.42 -3.89 -0.72
C LYS A 44 -32.37 -4.11 0.37
N GLU A 45 -31.57 -5.15 0.17
CA GLU A 45 -30.42 -5.37 1.03
C GLU A 45 -29.37 -4.29 0.82
N ARG A 46 -28.71 -3.93 1.90
CA ARG A 46 -27.54 -3.10 1.83
C ARG A 46 -26.47 -3.78 1.00
N GLU A 47 -25.78 -3.00 0.16
CA GLU A 47 -24.86 -3.49 -0.87
C GLU A 47 -23.57 -2.70 -0.87
N LEU A 48 -22.44 -3.40 -0.97
CA LEU A 48 -21.17 -2.71 -1.15
C LEU A 48 -21.16 -2.00 -2.50
N VAL A 49 -20.76 -0.73 -2.47
N VAL A 49 -20.71 -0.74 -2.56
CA VAL A 49 -20.64 0.15 -3.63
CA VAL A 49 -20.52 -0.14 -3.88
C VAL A 49 -19.18 0.29 -4.08
C VAL A 49 -19.05 0.21 -4.16
N ALA A 50 -18.27 0.50 -3.14
CA ALA A 50 -16.86 0.80 -3.40
C ALA A 50 -16.05 0.51 -2.14
N ALA A 51 -14.80 0.09 -2.32
CA ALA A 51 -13.94 -0.05 -1.15
C ALA A 51 -12.49 0.31 -1.51
N ILE A 52 -11.73 0.68 -0.49
CA ILE A 52 -10.35 1.16 -0.68
C ILE A 52 -9.50 0.58 0.45
N ASP A 53 -8.26 0.18 0.15
CA ASP A 53 -7.44 -0.33 1.23
C ASP A 53 -6.27 0.63 1.45
N ARG A 54 -5.48 0.33 2.46
CA ARG A 54 -4.40 1.22 2.85
C ARG A 54 -3.36 1.41 1.77
N SER A 55 -3.22 0.47 0.85
CA SER A 55 -2.27 0.59 -0.24
C SER A 55 -2.81 1.40 -1.41
N GLY A 56 -4.04 1.93 -1.27
CA GLY A 56 -4.73 2.68 -2.29
C GLY A 56 -5.51 1.87 -3.30
N ALA A 57 -5.48 0.54 -3.20
CA ALA A 57 -6.22 -0.28 -4.14
C ALA A 57 -7.71 -0.08 -3.91
N THR A 58 -8.46 -0.12 -5.01
CA THR A 58 -9.90 0.10 -4.97
C THR A 58 -10.64 -1.00 -5.69
N VAL A 59 -11.90 -1.15 -5.32
CA VAL A 59 -12.79 -2.09 -5.97
C VAL A 59 -14.18 -1.50 -5.96
N TYR A 60 -14.98 -1.82 -7.01
CA TYR A 60 -16.34 -1.31 -7.17
C TYR A 60 -17.33 -2.41 -7.50
N SER A 61 -18.60 -2.19 -7.14
CA SER A 61 -19.64 -3.09 -7.66
C SER A 61 -19.89 -2.79 -9.14
N GLU A 62 -20.43 -3.80 -9.84
CA GLU A 62 -20.78 -3.64 -11.25
C GLU A 62 -21.74 -2.48 -11.50
N SER A 63 -22.66 -2.20 -10.57
CA SER A 63 -23.65 -1.14 -10.80
C SER A 63 -23.03 0.26 -10.84
N VAL A 64 -21.86 0.46 -10.25
CA VAL A 64 -21.24 1.78 -10.18
C VAL A 64 -19.88 1.86 -10.84
N ARG A 65 -19.30 0.73 -11.29
CA ARG A 65 -17.93 0.80 -11.79
C ARG A 65 -17.92 1.72 -13.01
N GLY A 66 -16.98 2.67 -13.03
CA GLY A 66 -16.90 3.65 -14.10
C GLY A 66 -17.60 4.99 -13.85
N ARG A 67 -18.55 5.06 -12.94
CA ARG A 67 -19.23 6.30 -12.56
C ARG A 67 -18.80 6.84 -11.20
N PHE A 68 -18.43 5.96 -10.29
CA PHE A 68 -18.11 6.33 -8.92
C PHE A 68 -16.62 6.17 -8.65
N THR A 69 -16.08 7.04 -7.79
CA THR A 69 -14.65 6.94 -7.46
C THR A 69 -14.51 7.06 -5.96
N ILE A 70 -13.79 6.11 -5.31
CA ILE A 70 -13.52 6.20 -3.88
C ILE A 70 -12.08 6.67 -3.73
N SER A 71 -11.85 7.60 -2.79
CA SER A 71 -10.51 8.14 -2.53
C SER A 71 -10.42 8.40 -1.03
N LYS A 72 -9.21 8.70 -0.56
CA LYS A 72 -9.00 8.85 0.88
C LYS A 72 -7.99 9.95 1.19
N ASN A 73 -8.20 10.55 2.35
CA ASN A 73 -7.21 11.43 2.96
C ASN A 73 -6.76 10.79 4.27
N ASP A 74 -5.61 10.09 4.20
CA ASP A 74 -5.06 9.40 5.35
C ASP A 74 -4.71 10.37 6.47
N ALA A 75 -4.22 11.56 6.14
CA ALA A 75 -3.77 12.48 7.19
C ALA A 75 -4.93 12.94 8.09
N LYS A 76 -6.16 12.97 7.58
CA LYS A 76 -7.35 13.39 8.33
C LYS A 76 -8.36 12.24 8.61
N ASN A 77 -8.05 11.00 8.23
CA ASN A 77 -8.97 9.87 8.42
C ASN A 77 -10.32 10.11 7.73
N ILE A 78 -10.29 10.54 6.47
CA ILE A 78 -11.51 10.80 5.71
C ILE A 78 -11.48 9.94 4.45
N VAL A 79 -12.62 9.37 4.12
N VAL A 79 -12.63 9.36 4.11
CA VAL A 79 -12.78 8.76 2.81
CA VAL A 79 -12.85 8.68 2.84
C VAL A 79 -13.91 9.48 2.09
C VAL A 79 -13.95 9.42 2.08
N TRP A 80 -13.80 9.51 0.76
CA TRP A 80 -14.75 10.21 -0.08
C TRP A 80 -15.28 9.26 -1.12
N LEU A 81 -16.51 9.50 -1.52
CA LEU A 81 -17.13 8.84 -2.65
C LEU A 81 -17.64 9.89 -3.63
N GLN A 82 -16.99 9.99 -4.79
CA GLN A 82 -17.43 10.87 -5.87
C GLN A 82 -18.40 10.09 -6.74
N MET A 83 -19.63 10.59 -6.85
CA MET A 83 -20.69 9.91 -7.61
C MET A 83 -21.05 10.75 -8.82
N ASN A 84 -20.85 10.22 -10.04
CA ASN A 84 -21.10 10.95 -11.28
C ASN A 84 -22.24 10.30 -12.07
N ASN A 85 -22.88 11.12 -12.90
N ASN A 85 -22.81 11.06 -13.01
CA ASN A 85 -23.93 10.68 -13.81
CA ASN A 85 -23.98 10.68 -13.81
C ASN A 85 -25.06 9.94 -13.06
C ASN A 85 -24.99 9.88 -12.97
N LEU A 86 -25.53 10.58 -11.98
CA LEU A 86 -26.51 9.96 -11.10
C LEU A 86 -27.81 9.74 -11.84
N THR A 87 -28.49 8.65 -11.51
CA THR A 87 -29.85 8.40 -12.02
C THR A 87 -30.75 8.10 -10.84
N THR A 88 -32.04 8.02 -11.08
CA THR A 88 -32.96 7.66 -10.03
C THR A 88 -32.64 6.30 -9.43
N GLU A 89 -31.95 5.42 -10.18
CA GLU A 89 -31.58 4.14 -9.62
C GLU A 89 -30.56 4.26 -8.49
N ASP A 90 -29.91 5.41 -8.31
CA ASP A 90 -28.92 5.62 -7.25
C ASP A 90 -29.52 6.19 -5.97
N THR A 91 -30.79 6.55 -5.94
CA THR A 91 -31.41 7.04 -4.68
C THR A 91 -31.36 5.97 -3.59
N ALA A 92 -30.81 6.33 -2.41
CA ALA A 92 -30.57 5.31 -1.41
C ALA A 92 -30.02 6.05 -0.20
N VAL A 93 -29.99 5.37 0.91
CA VAL A 93 -29.12 5.82 1.99
C VAL A 93 -27.76 5.22 1.76
N TYR A 94 -26.71 6.05 1.82
CA TYR A 94 -25.31 5.60 1.68
C TYR A 94 -24.65 5.54 3.04
N TYR A 95 -23.91 4.45 3.29
CA TYR A 95 -23.24 4.19 4.56
C TYR A 95 -21.78 3.92 4.33
N CYS A 96 -20.97 4.42 5.25
CA CYS A 96 -19.55 4.15 5.37
C CYS A 96 -19.30 2.99 6.35
N ARG A 97 -18.23 2.21 6.15
CA ARG A 97 -17.95 1.10 7.04
C ARG A 97 -16.44 0.92 7.12
N SER A 98 -15.91 0.65 8.31
CA SER A 98 -14.47 0.41 8.42
C SER A 98 -14.18 -1.10 8.45
N GLY A 99 -12.92 -1.43 8.21
CA GLY A 99 -12.52 -2.84 8.28
C GLY A 99 -11.08 -3.02 8.69
N VAL A 100 -10.81 -4.14 9.35
CA VAL A 100 -9.47 -4.52 9.73
C VAL A 100 -9.14 -5.80 8.97
N LEU A 101 -8.26 -5.69 7.97
CA LEU A 101 -7.90 -6.87 7.21
C LEU A 101 -6.70 -7.55 7.85
N GLY A 102 -6.73 -8.88 7.97
CA GLY A 102 -5.75 -9.60 8.75
C GLY A 102 -4.53 -10.03 7.97
N SER A 103 -3.83 -11.01 8.53
CA SER A 103 -2.63 -11.55 7.90
C SER A 103 -3.00 -12.36 6.66
N TRP A 104 -1.99 -12.62 5.84
CA TRP A 104 -2.17 -13.54 4.70
C TRP A 104 -1.73 -14.92 5.11
N GLY A 105 -2.05 -15.92 4.28
CA GLY A 105 -1.43 -17.23 4.47
C GLY A 105 -0.02 -17.26 3.83
N LEU A 106 0.58 -18.44 3.83
CA LEU A 106 1.90 -18.58 3.23
C LEU A 106 1.84 -18.43 1.72
N GLY A 107 0.68 -18.68 1.09
CA GLY A 107 0.54 -18.58 -0.34
C GLY A 107 0.73 -19.91 -1.06
N THR A 108 0.19 -20.00 -2.28
CA THR A 108 0.33 -21.22 -3.07
C THR A 108 0.71 -20.79 -4.48
N GLN A 109 1.79 -21.40 -5.02
CA GLN A 109 2.31 -21.05 -6.33
C GLN A 109 1.40 -21.65 -7.39
N VAL A 110 1.06 -20.81 -8.39
CA VAL A 110 0.33 -21.25 -9.60
C VAL A 110 1.21 -20.87 -10.77
N THR A 111 1.56 -21.83 -11.63
CA THR A 111 2.43 -21.55 -12.76
C THR A 111 1.69 -22.02 -14.01
N VAL A 112 1.41 -21.11 -14.94
CA VAL A 112 0.69 -21.44 -16.19
C VAL A 112 1.66 -21.37 -17.37
N SER A 113 1.75 -22.45 -18.11
CA SER A 113 2.63 -22.48 -19.28
C SER A 113 1.81 -22.35 -20.55
N SER A 114 2.51 -22.13 -21.66
CA SER A 114 1.88 -22.20 -22.98
C SER A 114 1.73 -23.64 -23.48
N GLN B 2 12.39 -1.52 -18.41
CA GLN B 2 12.71 -2.88 -18.81
C GLN B 2 13.81 -3.41 -17.90
N VAL B 3 13.96 -2.78 -16.74
CA VAL B 3 14.98 -3.21 -15.80
C VAL B 3 14.64 -4.59 -15.26
N GLN B 4 15.62 -5.49 -15.21
CA GLN B 4 15.40 -6.78 -14.56
C GLN B 4 16.41 -6.97 -13.45
N LEU B 5 15.92 -7.54 -12.33
CA LEU B 5 16.68 -7.73 -11.11
C LEU B 5 16.72 -9.20 -10.78
N VAL B 6 17.89 -9.66 -10.33
CA VAL B 6 18.04 -11.05 -9.92
C VAL B 6 18.74 -11.04 -8.58
N GLU B 7 18.06 -11.56 -7.54
CA GLU B 7 18.64 -11.65 -6.20
C GLU B 7 19.38 -12.98 -5.99
N SER B 8 20.47 -12.93 -5.20
CA SER B 8 21.18 -14.17 -4.87
C SER B 8 21.67 -14.06 -3.44
N GLY B 9 21.96 -15.22 -2.87
CA GLY B 9 22.71 -15.24 -1.64
C GLY B 9 21.90 -15.63 -0.44
N GLY B 10 20.58 -15.81 -0.57
CA GLY B 10 19.82 -16.39 0.51
C GLY B 10 20.24 -17.81 0.83
N GLY B 11 19.91 -18.25 2.04
CA GLY B 11 20.14 -19.62 2.41
C GLY B 11 19.85 -19.82 3.88
N LEU B 12 20.39 -20.89 4.42
CA LEU B 12 20.19 -21.20 5.84
C LEU B 12 21.33 -20.53 6.58
N ALA B 13 20.98 -19.63 7.47
CA ALA B 13 21.98 -18.94 8.25
C ALA B 13 21.93 -19.57 9.62
N GLN B 14 23.06 -19.57 10.28
CA GLN B 14 23.08 -20.04 11.64
C GLN B 14 22.72 -18.89 12.58
N ALA B 15 22.15 -19.22 13.73
CA ALA B 15 21.84 -18.19 14.71
C ALA B 15 23.08 -17.35 14.98
N GLY B 16 22.94 -16.02 14.88
CA GLY B 16 24.03 -15.10 15.10
C GLY B 16 24.96 -14.92 13.92
N GLY B 17 24.73 -15.67 12.82
CA GLY B 17 25.57 -15.56 11.65
C GLY B 17 25.21 -14.40 10.73
N SER B 18 25.94 -14.33 9.62
CA SER B 18 25.77 -13.24 8.68
C SER B 18 25.59 -13.80 7.27
N LEU B 19 24.92 -13.02 6.45
CA LEU B 19 24.70 -13.35 5.05
C LEU B 19 24.96 -12.08 4.26
N GLN B 20 25.40 -12.21 3.02
CA GLN B 20 25.41 -11.07 2.13
C GLN B 20 24.57 -11.44 0.93
N LEU B 21 23.52 -10.68 0.74
CA LEU B 21 22.65 -10.82 -0.45
C LEU B 21 23.18 -9.91 -1.56
N SER B 22 22.96 -10.33 -2.82
CA SER B 22 23.33 -9.46 -3.93
C SER B 22 22.12 -9.30 -4.85
N CYS B 23 22.07 -8.17 -5.54
CA CYS B 23 20.99 -7.88 -6.47
C CYS B 23 21.63 -7.38 -7.76
N ALA B 24 21.49 -8.12 -8.84
CA ALA B 24 22.12 -7.71 -10.10
C ALA B 24 21.06 -7.15 -11.02
N ALA B 25 21.27 -5.92 -11.51
CA ALA B 25 20.35 -5.25 -12.41
C ALA B 25 20.88 -5.30 -13.83
N SER B 26 19.96 -5.46 -14.75
CA SER B 26 20.25 -5.43 -16.19
C SER B 26 19.10 -4.79 -16.93
N GLY B 27 19.25 -4.65 -18.23
CA GLY B 27 18.32 -3.85 -18.99
C GLY B 27 18.80 -2.41 -19.09
N SER B 28 17.84 -1.53 -19.30
CA SER B 28 18.16 -0.12 -19.48
C SER B 28 18.18 0.50 -18.09
N THR B 29 19.37 0.62 -17.52
CA THR B 29 19.48 1.05 -16.14
C THR B 29 19.99 2.49 -15.97
N SER B 30 20.18 3.24 -17.05
CA SER B 30 20.85 4.53 -16.88
C SER B 30 20.05 5.50 -15.99
N ARG B 31 18.72 5.41 -15.97
CA ARG B 31 17.94 6.34 -15.16
C ARG B 31 17.73 5.86 -13.73
N VAL B 32 18.05 4.61 -13.43
CA VAL B 32 17.88 4.06 -12.09
C VAL B 32 18.87 4.76 -11.16
N ASN B 33 18.34 5.51 -10.19
CA ASN B 33 19.23 6.24 -9.30
C ASN B 33 18.88 5.93 -7.85
N ALA B 34 18.13 4.86 -7.62
CA ALA B 34 17.92 4.39 -6.25
C ALA B 34 17.68 2.88 -6.30
N MET B 35 18.07 2.18 -5.22
CA MET B 35 17.81 0.73 -5.14
C MET B 35 17.43 0.41 -3.70
N GLY B 36 16.59 -0.59 -3.52
CA GLY B 36 16.13 -0.90 -2.17
C GLY B 36 16.01 -2.39 -1.98
N TRP B 37 16.21 -2.81 -0.74
CA TRP B 37 15.93 -4.18 -0.30
C TRP B 37 14.69 -4.16 0.61
N TYR B 38 13.85 -5.16 0.45
CA TYR B 38 12.62 -5.32 1.21
C TYR B 38 12.58 -6.72 1.75
N ARG B 39 11.76 -6.94 2.75
CA ARG B 39 11.57 -8.33 3.14
C ARG B 39 10.11 -8.59 3.38
N GLN B 40 9.75 -9.86 3.15
CA GLN B 40 8.37 -10.30 3.37
C GLN B 40 8.43 -11.45 4.38
N THR B 41 8.14 -11.12 5.63
CA THR B 41 7.97 -12.12 6.67
C THR B 41 6.70 -12.93 6.42
N PRO B 42 6.69 -14.24 6.71
CA PRO B 42 5.49 -15.04 6.39
C PRO B 42 4.24 -14.41 6.99
N GLY B 43 3.22 -14.22 6.16
CA GLY B 43 1.92 -13.68 6.60
C GLY B 43 1.84 -12.14 6.59
N LYS B 44 2.94 -11.45 6.43
CA LYS B 44 2.99 -10.01 6.65
C LYS B 44 3.16 -9.27 5.34
N GLU B 45 2.93 -7.94 5.43
CA GLU B 45 3.21 -7.06 4.31
C GLU B 45 4.72 -6.97 4.04
N ARG B 46 5.08 -6.89 2.77
CA ARG B 46 6.44 -6.57 2.36
C ARG B 46 6.86 -5.20 2.91
N GLU B 47 8.10 -5.10 3.38
CA GLU B 47 8.54 -3.90 4.10
C GLU B 47 9.93 -3.53 3.66
N LEU B 48 10.18 -2.23 3.53
CA LEU B 48 11.53 -1.75 3.23
C LEU B 48 12.47 -2.02 4.39
N VAL B 49 13.70 -2.43 4.06
CA VAL B 49 14.76 -2.71 5.04
C VAL B 49 15.95 -1.76 4.88
N ALA B 50 16.30 -1.39 3.65
CA ALA B 50 17.45 -0.55 3.38
C ALA B 50 17.28 -0.01 1.98
N ALA B 51 17.76 1.20 1.76
CA ALA B 51 17.80 1.78 0.42
C ALA B 51 19.03 2.65 0.28
N ILE B 52 19.47 2.81 -0.96
CA ILE B 52 20.70 3.55 -1.27
C ILE B 52 20.41 4.39 -2.51
N ASP B 53 20.96 5.61 -2.58
CA ASP B 53 20.76 6.40 -3.79
C ASP B 53 22.10 6.59 -4.53
N ARG B 54 22.02 7.26 -5.67
CA ARG B 54 23.21 7.38 -6.53
C ARG B 54 24.33 8.13 -5.84
N SER B 55 24.00 9.02 -4.91
CA SER B 55 25.05 9.76 -4.20
C SER B 55 25.65 8.95 -3.06
N GLY B 56 25.23 7.69 -2.89
CA GLY B 56 25.71 6.86 -1.79
C GLY B 56 24.98 7.03 -0.48
N ALA B 57 24.00 7.93 -0.41
CA ALA B 57 23.26 8.08 0.82
C ALA B 57 22.38 6.86 1.07
N THR B 58 22.24 6.48 2.33
CA THR B 58 21.50 5.28 2.71
C THR B 58 20.47 5.60 3.77
N VAL B 59 19.48 4.73 3.86
CA VAL B 59 18.45 4.80 4.89
C VAL B 59 18.08 3.36 5.27
N TYR B 60 17.77 3.14 6.56
CA TYR B 60 17.43 1.80 7.04
C TYR B 60 16.15 1.84 7.84
N SER B 61 15.46 0.69 7.93
CA SER B 61 14.37 0.64 8.89
C SER B 61 14.93 0.54 10.30
N GLU B 62 14.10 0.92 11.25
CA GLU B 62 14.49 0.81 12.65
C GLU B 62 14.89 -0.61 13.06
N SER B 63 14.19 -1.64 12.56
CA SER B 63 14.46 -3.02 12.98
C SER B 63 15.84 -3.53 12.54
N VAL B 64 16.50 -2.88 11.59
CA VAL B 64 17.79 -3.37 11.11
C VAL B 64 18.92 -2.38 11.27
N ARG B 65 18.64 -1.15 11.73
CA ARG B 65 19.66 -0.10 11.64
C ARG B 65 20.91 -0.42 12.47
N GLY B 66 22.08 -0.36 11.83
CA GLY B 66 23.35 -0.67 12.49
C GLY B 66 23.78 -2.10 12.32
N ARG B 67 22.84 -3.01 12.07
CA ARG B 67 23.05 -4.43 11.91
C ARG B 67 23.13 -4.81 10.45
N PHE B 68 22.41 -4.11 9.60
CA PHE B 68 22.43 -4.39 8.17
C PHE B 68 23.12 -3.25 7.45
N THR B 69 23.79 -3.54 6.32
CA THR B 69 24.46 -2.48 5.57
C THR B 69 24.20 -2.65 4.08
N ILE B 70 23.73 -1.59 3.40
CA ILE B 70 23.51 -1.66 1.96
C ILE B 70 24.70 -0.99 1.26
N SER B 71 25.18 -1.58 0.16
CA SER B 71 26.33 -1.00 -0.56
C SER B 71 26.09 -1.30 -2.02
N LYS B 72 26.88 -0.68 -2.90
CA LYS B 72 26.68 -0.82 -4.34
C LYS B 72 27.99 -0.82 -5.11
N ASN B 73 27.98 -1.53 -6.22
CA ASN B 73 29.04 -1.50 -7.21
C ASN B 73 28.40 -0.94 -8.47
N ASP B 74 28.60 0.38 -8.67
CA ASP B 74 28.05 1.08 -9.82
C ASP B 74 28.60 0.55 -11.12
N ALA B 75 29.89 0.19 -11.13
CA ALA B 75 30.50 -0.26 -12.38
C ALA B 75 29.87 -1.56 -12.89
N LYS B 76 29.32 -2.40 -12.00
CA LYS B 76 28.73 -3.66 -12.42
C LYS B 76 27.21 -3.70 -12.22
N ASN B 77 26.57 -2.60 -11.77
CA ASN B 77 25.13 -2.59 -11.48
C ASN B 77 24.70 -3.65 -10.45
N ILE B 78 25.45 -3.76 -9.35
CA ILE B 78 25.10 -4.70 -8.29
C ILE B 78 24.90 -3.92 -6.99
N VAL B 79 23.88 -4.28 -6.25
N VAL B 79 23.88 -4.30 -6.23
CA VAL B 79 23.76 -3.81 -4.86
CA VAL B 79 23.65 -3.79 -4.87
C VAL B 79 23.84 -5.02 -3.95
C VAL B 79 23.68 -4.97 -3.90
N TRP B 80 24.34 -4.79 -2.75
CA TRP B 80 24.47 -5.82 -1.77
C TRP B 80 23.73 -5.39 -0.54
N LEU B 81 23.26 -6.40 0.20
CA LEU B 81 22.81 -6.26 1.58
C LEU B 81 23.62 -7.18 2.49
N GLN B 82 24.43 -6.60 3.37
CA GLN B 82 25.15 -7.36 4.39
C GLN B 82 24.25 -7.49 5.61
N MET B 83 23.95 -8.71 6.04
CA MET B 83 23.07 -8.96 7.19
C MET B 83 23.84 -9.62 8.31
N ASN B 84 23.95 -8.94 9.46
CA ASN B 84 24.75 -9.42 10.57
C ASN B 84 23.86 -9.79 11.75
N ASN B 85 24.40 -10.65 12.62
CA ASN B 85 23.76 -11.07 13.88
C ASN B 85 22.33 -11.57 13.64
N LEU B 86 22.21 -12.52 12.71
CA LEU B 86 20.87 -12.91 12.32
C LEU B 86 20.10 -13.66 13.42
N THR B 87 18.78 -13.45 13.43
CA THR B 87 17.92 -14.18 14.38
C THR B 87 16.74 -14.77 13.60
N THR B 88 15.96 -15.64 14.22
CA THR B 88 14.77 -16.16 13.54
C THR B 88 13.78 -15.05 13.15
N GLU B 89 13.80 -13.89 13.81
CA GLU B 89 12.93 -12.83 13.33
C GLU B 89 13.34 -12.28 11.97
N ASP B 90 14.53 -12.62 11.44
CA ASP B 90 14.96 -12.18 10.11
C ASP B 90 14.54 -13.16 9.01
N THR B 91 14.01 -14.34 9.35
CA THR B 91 13.56 -15.29 8.35
C THR B 91 12.46 -14.66 7.50
N ALA B 92 12.64 -14.66 6.17
CA ALA B 92 11.74 -13.94 5.25
C ALA B 92 12.25 -14.20 3.84
N VAL B 93 11.43 -13.85 2.88
CA VAL B 93 11.87 -13.67 1.50
C VAL B 93 12.35 -12.23 1.36
N TYR B 94 13.57 -12.05 0.81
CA TYR B 94 14.15 -10.73 0.58
C TYR B 94 14.08 -10.40 -0.89
N TYR B 95 13.72 -9.15 -1.18
CA TYR B 95 13.50 -8.68 -2.54
C TYR B 95 14.25 -7.40 -2.77
N CYS B 96 14.85 -7.31 -3.98
CA CYS B 96 15.48 -6.10 -4.47
C CYS B 96 14.45 -5.31 -5.30
N ARG B 97 14.58 -3.99 -5.30
CA ARG B 97 13.71 -3.13 -6.09
C ARG B 97 14.46 -1.92 -6.63
N SER B 98 14.16 -1.53 -7.87
CA SER B 98 14.82 -0.32 -8.39
C SER B 98 13.90 0.88 -8.32
N GLY B 99 14.51 2.06 -8.41
CA GLY B 99 13.71 3.29 -8.40
C GLY B 99 14.32 4.37 -9.25
N VAL B 100 13.44 5.23 -9.78
CA VAL B 100 13.84 6.45 -10.50
C VAL B 100 13.32 7.62 -9.70
N LEU B 101 14.22 8.31 -9.05
CA LEU B 101 13.81 9.45 -8.22
C LEU B 101 13.89 10.69 -9.09
N GLY B 102 12.86 11.53 -9.00
CA GLY B 102 12.70 12.61 -9.94
C GLY B 102 13.33 13.92 -9.50
N SER B 103 12.83 15.00 -10.08
CA SER B 103 13.30 16.36 -9.76
C SER B 103 12.84 16.80 -8.38
N TRP B 104 13.58 17.77 -7.82
CA TRP B 104 13.14 18.43 -6.61
C TRP B 104 12.30 19.64 -6.97
N GLY B 105 11.54 20.13 -5.98
CA GLY B 105 10.92 21.46 -6.12
C GLY B 105 11.95 22.57 -5.94
N LEU B 106 11.45 23.82 -5.94
CA LEU B 106 12.30 24.98 -5.78
C LEU B 106 12.87 25.08 -4.36
N GLY B 107 12.19 24.46 -3.40
CA GLY B 107 12.60 24.47 -2.02
C GLY B 107 11.93 25.60 -1.22
N THR B 108 11.80 25.40 0.09
CA THR B 108 11.23 26.43 0.93
C THR B 108 12.16 26.63 2.11
N GLN B 109 12.52 27.88 2.40
CA GLN B 109 13.46 28.21 3.47
C GLN B 109 12.79 28.10 4.84
N VAL B 110 13.49 27.48 5.80
CA VAL B 110 13.04 27.39 7.19
C VAL B 110 14.19 27.94 8.04
N THR B 111 13.93 28.98 8.81
CA THR B 111 14.98 29.57 9.64
C THR B 111 14.56 29.52 11.11
N VAL B 112 15.32 28.81 11.93
CA VAL B 112 15.05 28.69 13.39
C VAL B 112 16.01 29.58 14.19
N SER B 113 15.45 30.50 14.98
CA SER B 113 16.27 31.39 15.80
C SER B 113 16.24 30.95 17.26
N SER B 114 17.18 31.53 18.03
CA SER B 114 17.25 31.39 19.50
C SER B 114 16.35 32.39 20.18
N GLN C 2 -5.18 -14.26 15.54
CA GLN C 2 -5.04 -15.68 15.81
C GLN C 2 -5.76 -16.58 14.74
N VAL C 3 -6.45 -15.95 13.78
CA VAL C 3 -6.86 -16.65 12.56
C VAL C 3 -5.66 -17.32 11.91
N GLN C 4 -5.84 -18.57 11.48
CA GLN C 4 -4.87 -19.31 10.70
C GLN C 4 -5.47 -19.61 9.32
N LEU C 5 -4.71 -19.37 8.26
CA LEU C 5 -5.19 -19.61 6.88
C LEU C 5 -4.25 -20.58 6.18
N VAL C 6 -4.81 -21.57 5.47
CA VAL C 6 -4.00 -22.56 4.78
C VAL C 6 -4.54 -22.67 3.37
N GLU C 7 -3.70 -22.29 2.40
CA GLU C 7 -4.09 -22.34 0.99
C GLU C 7 -3.67 -23.68 0.37
N SER C 8 -4.51 -24.23 -0.50
CA SER C 8 -4.09 -25.41 -1.24
C SER C 8 -4.61 -25.35 -2.67
N GLY C 9 -4.15 -26.34 -3.45
CA GLY C 9 -4.64 -26.48 -4.80
C GLY C 9 -3.80 -25.84 -5.85
N GLY C 10 -2.70 -25.20 -5.49
CA GLY C 10 -1.84 -24.60 -6.49
C GLY C 10 -1.10 -25.66 -7.30
N GLY C 11 -0.50 -25.23 -8.38
CA GLY C 11 0.32 -26.18 -9.12
C GLY C 11 0.58 -25.64 -10.49
N LEU C 12 0.88 -26.57 -11.39
CA LEU C 12 1.10 -26.29 -12.80
C LEU C 12 -0.20 -26.42 -13.60
N ALA C 13 -0.47 -25.44 -14.44
CA ALA C 13 -1.59 -25.46 -15.39
C ALA C 13 -1.09 -25.12 -16.78
N GLN C 14 -1.81 -25.58 -17.80
CA GLN C 14 -1.61 -25.13 -19.17
C GLN C 14 -2.55 -23.97 -19.48
N ALA C 15 -2.08 -23.07 -20.35
CA ALA C 15 -2.92 -21.99 -20.82
C ALA C 15 -4.24 -22.52 -21.37
N GLY C 16 -5.34 -21.88 -20.99
CA GLY C 16 -6.70 -22.30 -21.32
C GLY C 16 -7.26 -23.32 -20.38
N GLY C 17 -6.47 -23.77 -19.42
CA GLY C 17 -6.90 -24.73 -18.42
C GLY C 17 -7.54 -24.06 -17.22
N SER C 18 -7.89 -24.89 -16.24
CA SER C 18 -8.54 -24.45 -15.01
C SER C 18 -7.85 -25.01 -13.78
N LEU C 19 -7.99 -24.30 -12.68
CA LEU C 19 -7.54 -24.75 -11.36
C LEU C 19 -8.55 -24.29 -10.33
N GLN C 20 -8.68 -25.03 -9.24
CA GLN C 20 -9.45 -24.57 -8.09
C GLN C 20 -8.55 -24.48 -6.87
N LEU C 21 -8.44 -23.29 -6.28
CA LEU C 21 -7.71 -23.07 -5.02
C LEU C 21 -8.68 -23.13 -3.87
N SER C 22 -8.17 -23.58 -2.74
N SER C 22 -8.16 -23.56 -2.73
CA SER C 22 -8.96 -23.61 -1.51
CA SER C 22 -8.96 -23.62 -1.52
C SER C 22 -8.19 -22.89 -0.42
C SER C 22 -8.18 -22.92 -0.40
N CYS C 23 -8.93 -22.29 0.52
CA CYS C 23 -8.37 -21.66 1.69
C CYS C 23 -9.18 -22.09 2.89
N ALA C 24 -8.53 -22.77 3.84
CA ALA C 24 -9.15 -23.28 5.04
C ALA C 24 -8.76 -22.36 6.21
N ALA C 25 -9.77 -21.78 6.89
CA ALA C 25 -9.52 -20.91 8.04
C ALA C 25 -9.78 -21.68 9.32
N SER C 26 -8.94 -21.42 10.32
CA SER C 26 -9.13 -22.04 11.64
C SER C 26 -8.66 -21.03 12.68
N GLY C 27 -8.76 -21.40 13.95
CA GLY C 27 -8.56 -20.45 15.03
C GLY C 27 -9.88 -19.77 15.38
N SER C 28 -9.78 -18.60 16.00
CA SER C 28 -11.00 -17.89 16.41
C SER C 28 -11.49 -17.07 15.22
N THR C 29 -12.42 -17.65 14.47
CA THR C 29 -12.93 -17.09 13.23
C THR C 29 -14.35 -16.51 13.35
N SER C 30 -14.94 -16.45 14.56
CA SER C 30 -16.35 -16.07 14.61
C SER C 30 -16.60 -14.65 14.12
N ARG C 31 -15.63 -13.74 14.28
CA ARG C 31 -15.83 -12.36 13.84
C ARG C 31 -15.48 -12.14 12.39
N VAL C 32 -14.81 -13.12 11.76
CA VAL C 32 -14.37 -12.96 10.38
C VAL C 32 -15.59 -12.98 9.47
N ASN C 33 -15.83 -11.87 8.75
CA ASN C 33 -17.02 -11.71 7.93
C ASN C 33 -16.67 -11.24 6.52
N ALA C 34 -15.42 -11.36 6.11
CA ALA C 34 -15.01 -11.12 4.73
C ALA C 34 -13.78 -11.98 4.46
N MET C 35 -13.63 -12.45 3.22
CA MET C 35 -12.43 -13.24 2.87
C MET C 35 -12.00 -12.81 1.48
N GLY C 36 -10.70 -12.84 1.23
CA GLY C 36 -10.21 -12.37 -0.07
C GLY C 36 -9.09 -13.24 -0.61
N TRP C 37 -9.03 -13.33 -1.95
CA TRP C 37 -7.88 -13.92 -2.60
C TRP C 37 -7.06 -12.81 -3.26
N TYR C 38 -5.74 -12.90 -3.10
CA TYR C 38 -4.75 -11.94 -3.59
C TYR C 38 -3.78 -12.69 -4.46
N ARG C 39 -3.08 -11.98 -5.32
CA ARG C 39 -2.00 -12.67 -6.02
C ARG C 39 -0.85 -11.71 -6.16
N GLN C 40 0.33 -12.30 -6.26
CA GLN C 40 1.56 -11.53 -6.47
C GLN C 40 2.21 -12.12 -7.72
N THR C 41 2.00 -11.50 -8.88
CA THR C 41 2.65 -11.90 -10.12
C THR C 41 4.14 -11.49 -10.09
N PRO C 42 5.00 -12.13 -10.89
CA PRO C 42 6.44 -11.84 -10.79
C PRO C 42 6.74 -10.35 -10.91
N GLY C 43 7.46 -9.80 -9.93
CA GLY C 43 7.92 -8.42 -9.97
C GLY C 43 6.93 -7.36 -9.53
N LYS C 44 5.69 -7.70 -9.26
CA LYS C 44 4.61 -6.75 -9.09
C LYS C 44 4.16 -6.70 -7.65
N GLU C 45 3.38 -5.66 -7.37
CA GLU C 45 2.65 -5.56 -6.12
C GLU C 45 1.58 -6.64 -6.02
N ARG C 46 1.39 -7.14 -4.81
CA ARG C 46 0.29 -8.02 -4.47
C ARG C 46 -1.04 -7.28 -4.68
N GLU C 47 -2.02 -7.97 -5.26
CA GLU C 47 -3.28 -7.36 -5.69
C GLU C 47 -4.45 -8.24 -5.32
N LEU C 48 -5.53 -7.63 -4.86
CA LEU C 48 -6.78 -8.35 -4.63
C LEU C 48 -7.35 -8.81 -5.97
N VAL C 49 -7.67 -10.11 -6.10
CA VAL C 49 -8.37 -10.57 -7.27
C VAL C 49 -9.84 -10.93 -7.00
N ALA C 50 -10.18 -11.39 -5.81
CA ALA C 50 -11.61 -11.66 -5.57
C ALA C 50 -11.85 -11.56 -4.08
N ALA C 51 -13.05 -11.12 -3.68
CA ALA C 51 -13.44 -11.12 -2.27
C ALA C 51 -14.91 -11.47 -2.12
N ILE C 52 -15.27 -11.92 -0.95
CA ILE C 52 -16.65 -12.39 -0.70
C ILE C 52 -16.99 -11.98 0.71
N ASP C 53 -18.24 -11.56 0.94
CA ASP C 53 -18.58 -11.19 2.31
C ASP C 53 -19.60 -12.19 2.88
N ARG C 54 -20.00 -11.97 4.15
CA ARG C 54 -20.88 -12.93 4.80
C ARG C 54 -22.23 -12.98 4.13
N SER C 55 -22.65 -11.89 3.46
CA SER C 55 -23.96 -12.01 2.84
C SER C 55 -23.93 -12.73 1.52
N GLY C 56 -22.75 -13.19 1.10
CA GLY C 56 -22.51 -13.87 -0.18
C GLY C 56 -22.16 -12.95 -1.35
N ALA C 57 -22.15 -11.64 -1.14
CA ALA C 57 -21.76 -10.67 -2.16
C ALA C 57 -20.28 -10.84 -2.54
N THR C 58 -19.99 -10.66 -3.82
CA THR C 58 -18.64 -10.89 -4.31
C THR C 58 -18.18 -9.72 -5.15
N VAL C 59 -16.86 -9.57 -5.25
CA VAL C 59 -16.29 -8.55 -6.12
C VAL C 59 -14.98 -9.10 -6.66
N TYR C 60 -14.64 -8.66 -7.87
CA TYR C 60 -13.46 -9.18 -8.55
C TYR C 60 -12.60 -8.04 -9.11
N SER C 61 -11.31 -8.29 -9.26
CA SER C 61 -10.52 -7.34 -10.03
C SER C 61 -10.83 -7.50 -11.51
N GLU C 62 -10.54 -6.43 -12.24
CA GLU C 62 -10.83 -6.35 -13.68
C GLU C 62 -10.08 -7.43 -14.45
N SER C 63 -8.85 -7.72 -14.03
CA SER C 63 -8.03 -8.69 -14.75
C SER C 63 -8.58 -10.11 -14.69
N VAL C 64 -9.40 -10.45 -13.69
CA VAL C 64 -9.93 -11.81 -13.59
C VAL C 64 -11.47 -11.86 -13.74
N ARG C 65 -12.12 -10.72 -13.85
CA ARG C 65 -13.57 -10.68 -13.86
C ARG C 65 -14.12 -11.48 -15.05
N GLY C 66 -15.09 -12.35 -14.78
CA GLY C 66 -15.63 -13.20 -15.79
C GLY C 66 -14.93 -14.54 -15.92
N ARG C 67 -13.69 -14.65 -15.45
CA ARG C 67 -12.94 -15.90 -15.55
C ARG C 67 -12.82 -16.64 -14.24
N PHE C 68 -12.75 -15.90 -13.13
CA PHE C 68 -12.52 -16.45 -11.81
C PHE C 68 -13.82 -16.35 -11.00
N THR C 69 -14.01 -17.30 -10.08
CA THR C 69 -15.21 -17.27 -9.26
C THR C 69 -14.82 -17.59 -7.84
N ILE C 70 -15.22 -16.73 -6.89
CA ILE C 70 -14.98 -16.98 -5.46
C ILE C 70 -16.25 -17.51 -4.84
N SER C 71 -16.13 -18.55 -3.99
CA SER C 71 -17.30 -19.14 -3.32
C SER C 71 -16.86 -19.66 -1.96
N LYS C 72 -17.82 -20.06 -1.13
CA LYS C 72 -17.48 -20.44 0.24
C LYS C 72 -18.35 -21.58 0.76
N ASN C 73 -17.76 -22.34 1.67
CA ASN C 73 -18.45 -23.33 2.47
C ASN C 73 -18.41 -22.82 3.90
N ASP C 74 -19.49 -22.16 4.34
CA ASP C 74 -19.53 -21.60 5.69
C ASP C 74 -19.42 -22.66 6.78
N ALA C 75 -20.03 -23.85 6.58
CA ALA C 75 -19.99 -24.87 7.62
C ALA C 75 -18.58 -25.39 7.88
N LYS C 76 -17.69 -25.30 6.92
CA LYS C 76 -16.32 -25.80 7.13
C LYS C 76 -15.27 -24.70 7.15
N ASN C 77 -15.66 -23.41 7.05
CA ASN C 77 -14.74 -22.26 7.00
C ASN C 77 -13.77 -22.40 5.82
N ILE C 78 -14.30 -22.72 4.65
CA ILE C 78 -13.47 -22.85 3.47
C ILE C 78 -13.91 -21.82 2.44
N VAL C 79 -12.93 -21.18 1.79
N VAL C 79 -12.93 -21.15 1.83
CA VAL C 79 -13.20 -20.30 0.66
CA VAL C 79 -13.22 -20.34 0.66
C VAL C 79 -12.47 -20.84 -0.57
C VAL C 79 -12.56 -21.03 -0.53
N TRP C 80 -13.18 -20.88 -1.71
CA TRP C 80 -12.65 -21.46 -2.94
C TRP C 80 -12.39 -20.37 -3.96
N LEU C 81 -11.37 -20.57 -4.80
CA LEU C 81 -11.17 -19.73 -5.98
C LEU C 81 -11.11 -20.65 -7.20
N GLN C 82 -12.16 -20.62 -8.02
CA GLN C 82 -12.18 -21.32 -9.29
C GLN C 82 -11.58 -20.40 -10.35
N MET C 83 -10.52 -20.87 -11.01
CA MET C 83 -9.83 -20.10 -12.03
C MET C 83 -10.00 -20.81 -13.37
N ASN C 84 -10.68 -20.14 -14.31
CA ASN C 84 -10.91 -20.72 -15.65
C ASN C 84 -10.14 -19.94 -16.71
N ASN C 85 -9.98 -20.54 -17.89
CA ASN C 85 -9.32 -19.87 -19.03
C ASN C 85 -8.04 -19.17 -18.61
N LEU C 86 -7.17 -19.93 -17.92
CA LEU C 86 -5.89 -19.42 -17.47
C LEU C 86 -5.00 -18.95 -18.60
N THR C 87 -4.23 -17.91 -18.33
CA THR C 87 -3.22 -17.35 -19.23
C THR C 87 -1.88 -17.38 -18.51
N THR C 88 -0.82 -17.19 -19.30
CA THR C 88 0.49 -17.12 -18.66
C THR C 88 0.58 -15.92 -17.72
N GLU C 89 -0.27 -14.90 -17.95
CA GLU C 89 -0.37 -13.74 -17.05
C GLU C 89 -0.98 -14.07 -15.71
N ASP C 90 -1.52 -15.27 -15.53
CA ASP C 90 -2.07 -15.69 -14.24
C ASP C 90 -1.02 -16.35 -13.34
N THR C 91 0.20 -16.53 -13.85
CA THR C 91 1.25 -17.10 -13.03
C THR C 91 1.53 -16.20 -11.84
N ALA C 92 1.51 -16.78 -10.65
CA ALA C 92 1.64 -15.90 -9.46
C ALA C 92 1.69 -16.77 -8.22
N VAL C 93 2.09 -16.14 -7.09
CA VAL C 93 1.76 -16.73 -5.81
C VAL C 93 0.37 -16.23 -5.42
N TYR C 94 -0.54 -17.14 -5.03
CA TYR C 94 -1.88 -16.73 -4.63
C TYR C 94 -2.00 -16.86 -3.12
N TYR C 95 -2.61 -15.86 -2.50
CA TYR C 95 -2.74 -15.77 -1.04
C TYR C 95 -4.19 -15.56 -0.63
N CYS C 96 -4.57 -16.23 0.47
CA CYS C 96 -5.84 -16.04 1.13
C CYS C 96 -5.64 -14.97 2.24
N ARG C 97 -6.69 -14.18 2.53
CA ARG C 97 -6.65 -13.17 3.60
C ARG C 97 -8.02 -13.03 4.28
N SER C 98 -8.03 -12.87 5.61
CA SER C 98 -9.31 -12.73 6.31
C SER C 98 -9.54 -11.26 6.63
N GLY C 99 -10.80 -10.92 6.89
CA GLY C 99 -11.14 -9.57 7.29
C GLY C 99 -12.27 -9.50 8.30
N VAL C 100 -12.19 -8.48 9.19
CA VAL C 100 -13.26 -8.22 10.14
C VAL C 100 -13.83 -6.85 9.80
N LEU C 101 -15.01 -6.82 9.18
CA LEU C 101 -15.60 -5.52 8.81
C LEU C 101 -16.43 -5.03 9.97
N GLY C 102 -16.32 -3.74 10.24
CA GLY C 102 -16.78 -3.15 11.48
C GLY C 102 -18.16 -2.55 11.36
N SER C 103 -18.48 -1.59 12.26
N SER C 103 -18.48 -1.61 12.26
CA SER C 103 -19.81 -1.00 12.25
CA SER C 103 -19.82 -1.03 12.23
C SER C 103 -19.97 0.02 11.13
C SER C 103 -19.97 -0.02 11.09
N TRP C 104 -21.21 0.27 10.75
CA TRP C 104 -21.51 1.32 9.78
C TRP C 104 -21.76 2.65 10.50
N GLY C 105 -21.80 3.70 9.74
CA GLY C 105 -22.25 4.99 10.26
C GLY C 105 -23.75 5.07 10.21
N LEU C 106 -24.27 6.23 10.60
CA LEU C 106 -25.71 6.46 10.52
C LEU C 106 -26.23 6.59 9.08
N GLY C 107 -25.37 6.86 8.13
CA GLY C 107 -25.83 6.94 6.75
C GLY C 107 -26.22 8.36 6.36
N THR C 108 -26.20 8.60 5.05
CA THR C 108 -26.58 9.87 4.41
C THR C 108 -27.47 9.61 3.21
N GLN C 109 -28.63 10.29 3.19
CA GLN C 109 -29.66 10.13 2.15
C GLN C 109 -29.20 10.83 0.88
N VAL C 110 -29.30 10.13 -0.24
CA VAL C 110 -29.03 10.68 -1.56
C VAL C 110 -30.30 10.48 -2.36
N THR C 111 -30.84 11.58 -2.88
CA THR C 111 -32.09 11.55 -3.64
C THR C 111 -31.81 12.12 -5.02
N VAL C 112 -32.08 11.32 -6.06
CA VAL C 112 -31.85 11.75 -7.44
C VAL C 112 -33.21 11.99 -8.10
N SER C 113 -33.41 13.17 -8.65
CA SER C 113 -34.73 13.47 -9.21
C SER C 113 -34.76 13.26 -10.72
N SER C 114 -35.98 13.35 -11.26
CA SER C 114 -36.28 13.42 -12.67
C SER C 114 -36.13 12.06 -13.30
N GLN D 2 7.74 15.87 -15.98
CA GLN D 2 6.63 16.80 -16.03
C GLN D 2 5.73 16.79 -14.77
N VAL D 3 5.96 15.86 -13.84
CA VAL D 3 5.48 16.11 -12.48
C VAL D 3 5.99 17.46 -12.00
N GLN D 4 5.11 18.23 -11.38
CA GLN D 4 5.44 19.52 -10.80
C GLN D 4 5.27 19.43 -9.29
N LEU D 5 6.20 19.99 -8.51
CA LEU D 5 6.16 19.98 -7.05
C LEU D 5 6.23 21.41 -6.57
N VAL D 6 5.40 21.75 -5.60
CA VAL D 6 5.36 23.11 -5.02
C VAL D 6 5.38 22.96 -3.51
N GLU D 7 6.46 23.46 -2.90
CA GLU D 7 6.56 23.45 -1.44
C GLU D 7 6.00 24.74 -0.83
N SER D 8 5.34 24.62 0.34
CA SER D 8 4.94 25.82 1.06
C SER D 8 5.05 25.55 2.56
N GLY D 9 4.85 26.64 3.32
CA GLY D 9 4.83 26.51 4.76
C GLY D 9 6.11 26.93 5.43
N GLY D 10 7.13 27.25 4.69
CA GLY D 10 8.37 27.68 5.29
C GLY D 10 8.30 29.08 5.89
N GLY D 11 9.30 29.38 6.69
CA GLY D 11 9.39 30.73 7.25
C GLY D 11 10.31 30.70 8.47
N LEU D 12 10.07 31.66 9.36
CA LEU D 12 10.80 31.79 10.62
C LEU D 12 10.14 30.98 11.73
N ALA D 13 10.94 30.22 12.46
CA ALA D 13 10.50 29.51 13.67
C ALA D 13 11.45 29.84 14.82
N GLN D 14 10.94 29.68 16.05
CA GLN D 14 11.74 29.75 17.27
C GLN D 14 12.16 28.37 17.73
N ALA D 15 13.28 28.33 18.43
CA ALA D 15 13.74 27.09 19.04
C ALA D 15 12.62 26.49 19.87
N GLY D 16 12.41 25.19 19.71
CA GLY D 16 11.39 24.45 20.43
C GLY D 16 10.01 24.55 19.84
N GLY D 17 9.86 25.34 18.79
CA GLY D 17 8.59 25.48 18.12
C GLY D 17 8.38 24.40 17.05
N SER D 18 7.26 24.54 16.35
CA SER D 18 6.84 23.57 15.34
C SER D 18 6.56 24.31 14.06
N LEU D 19 6.69 23.59 12.96
CA LEU D 19 6.26 24.05 11.65
C LEU D 19 5.70 22.85 10.91
N GLN D 20 4.74 23.13 10.02
CA GLN D 20 4.27 22.13 9.08
C GLN D 20 4.53 22.58 7.66
N LEU D 21 5.26 21.78 6.90
CA LEU D 21 5.51 22.03 5.47
C LEU D 21 4.51 21.21 4.65
N SER D 22 4.16 21.73 3.45
CA SER D 22 3.34 20.96 2.52
C SER D 22 4.00 20.93 1.14
N CYS D 23 3.75 19.86 0.39
CA CYS D 23 4.24 19.69 -0.98
C CYS D 23 3.06 19.21 -1.80
N ALA D 24 2.64 20.02 -2.76
CA ALA D 24 1.56 19.72 -3.70
C ALA D 24 2.14 19.27 -5.03
N ALA D 25 1.76 18.07 -5.50
CA ALA D 25 2.22 17.54 -6.79
C ALA D 25 1.12 17.68 -7.84
N SER D 26 1.53 17.98 -9.06
CA SER D 26 0.59 18.05 -10.18
C SER D 26 1.33 17.63 -11.43
N GLY D 27 0.62 17.64 -12.56
CA GLY D 27 1.14 17.02 -13.75
C GLY D 27 0.74 15.56 -13.75
N SER D 28 1.49 14.77 -14.49
CA SER D 28 1.15 13.36 -14.65
C SER D 28 1.75 12.60 -13.45
N THR D 29 0.93 12.39 -12.42
CA THR D 29 1.40 11.79 -11.17
C THR D 29 0.94 10.36 -10.91
N SER D 30 0.24 9.70 -11.83
CA SER D 30 -0.34 8.39 -11.51
C SER D 30 0.74 7.35 -11.18
N ARG D 31 1.95 7.51 -11.74
CA ARG D 31 3.01 6.55 -11.50
C ARG D 31 3.83 6.86 -10.26
N VAL D 32 3.67 8.04 -9.68
CA VAL D 32 4.47 8.41 -8.51
C VAL D 32 3.98 7.63 -7.31
N ASN D 33 4.85 6.81 -6.74
CA ASN D 33 4.43 5.91 -5.67
C ASN D 33 5.35 6.06 -4.46
N ALA D 34 6.13 7.14 -4.43
CA ALA D 34 6.94 7.49 -3.25
C ALA D 34 7.18 8.99 -3.29
N MET D 35 7.28 9.59 -2.12
CA MET D 35 7.57 11.01 -1.98
C MET D 35 8.56 11.20 -0.85
N GLY D 36 9.43 12.20 -0.98
CA GLY D 36 10.42 12.40 0.06
C GLY D 36 10.65 13.86 0.37
N TRP D 37 11.01 14.14 1.61
CA TRP D 37 11.45 15.47 1.99
C TRP D 37 12.96 15.42 2.24
N TYR D 38 13.64 16.42 1.73
CA TYR D 38 15.10 16.60 1.83
C TYR D 38 15.38 17.97 2.40
N ARG D 39 16.59 18.14 2.94
CA ARG D 39 16.96 19.47 3.39
C ARG D 39 18.43 19.71 3.08
N GLN D 40 18.72 20.98 2.88
CA GLN D 40 20.09 21.43 2.63
C GLN D 40 20.44 22.48 3.68
N THR D 41 21.13 22.08 4.76
CA THR D 41 21.59 22.99 5.77
C THR D 41 22.79 23.80 5.24
N PRO D 42 23.06 25.00 5.78
CA PRO D 42 24.14 25.84 5.21
C PRO D 42 25.47 25.10 5.02
N GLY D 43 26.03 25.21 3.81
CA GLY D 43 27.34 24.65 3.54
C GLY D 43 27.38 23.17 3.26
N LYS D 44 26.28 22.43 3.44
CA LYS D 44 26.28 20.98 3.51
C LYS D 44 25.57 20.38 2.31
N GLU D 45 25.81 19.08 2.15
CA GLU D 45 25.10 18.31 1.15
C GLU D 45 23.64 18.18 1.52
N ARG D 46 22.79 18.18 0.50
CA ARG D 46 21.40 17.84 0.65
C ARG D 46 21.22 16.40 1.13
N GLU D 47 20.27 16.21 2.04
CA GLU D 47 20.05 14.96 2.76
C GLU D 47 18.56 14.64 2.81
N LEU D 48 18.22 13.36 2.64
CA LEU D 48 16.85 12.89 2.88
C LEU D 48 16.53 12.99 4.36
N VAL D 49 15.40 13.58 4.72
CA VAL D 49 14.96 13.52 6.10
C VAL D 49 13.75 12.62 6.31
N ALA D 50 12.84 12.49 5.33
CA ALA D 50 11.70 11.61 5.57
C ALA D 50 11.17 11.17 4.22
N ALA D 51 10.64 9.95 4.16
CA ALA D 51 10.06 9.47 2.92
C ALA D 51 8.85 8.58 3.25
N ILE D 52 7.95 8.49 2.28
CA ILE D 52 6.69 7.79 2.50
C ILE D 52 6.37 7.05 1.21
N ASP D 53 5.82 5.85 1.31
CA ASP D 53 5.45 5.17 0.07
C ASP D 53 3.93 5.06 -0.04
N ARG D 54 3.46 4.48 -1.15
CA ARG D 54 2.03 4.40 -1.42
C ARG D 54 1.30 3.55 -0.39
N SER D 55 2.00 2.63 0.25
CA SER D 55 1.29 1.85 1.24
C SER D 55 1.21 2.56 2.58
N GLY D 56 1.73 3.81 2.66
CA GLY D 56 1.81 4.57 3.89
C GLY D 56 3.06 4.29 4.73
N ALA D 57 3.94 3.39 4.29
CA ALA D 57 5.16 3.13 5.04
C ALA D 57 6.08 4.34 5.01
N THR D 58 6.79 4.57 6.12
CA THR D 58 7.67 5.73 6.22
C THR D 58 9.05 5.36 6.73
N VAL D 59 10.02 6.22 6.40
CA VAL D 59 11.35 6.10 6.99
C VAL D 59 11.88 7.52 7.25
N TYR D 60 12.70 7.66 8.30
CA TYR D 60 13.25 8.98 8.66
C TYR D 60 14.76 8.90 8.85
N SER D 61 15.42 10.04 8.66
N SER D 61 15.43 10.04 8.68
CA SER D 61 16.83 10.16 8.98
CA SER D 61 16.85 10.12 8.98
C SER D 61 17.01 10.18 10.49
C SER D 61 17.01 10.16 10.49
N GLU D 62 18.20 9.76 10.93
CA GLU D 62 18.48 9.73 12.36
C GLU D 62 18.39 11.11 12.99
N SER D 63 18.66 12.14 12.19
CA SER D 63 18.72 13.50 12.71
C SER D 63 17.35 14.04 13.07
N VAL D 64 16.28 13.45 12.53
CA VAL D 64 14.94 13.95 12.79
C VAL D 64 14.03 12.90 13.40
N ARG D 65 14.50 11.66 13.56
CA ARG D 65 13.65 10.58 14.02
C ARG D 65 13.04 10.97 15.35
N GLY D 66 11.72 10.84 15.47
CA GLY D 66 11.05 11.17 16.70
C GLY D 66 10.54 12.59 16.79
N ARG D 67 11.06 13.48 15.95
CA ARG D 67 10.66 14.88 15.96
C ARG D 67 9.82 15.27 14.75
N PHE D 68 10.07 14.65 13.61
CA PHE D 68 9.40 14.98 12.36
C PHE D 68 8.46 13.84 12.00
N THR D 69 7.36 14.17 11.32
CA THR D 69 6.40 13.17 10.83
C THR D 69 6.00 13.53 9.40
N ILE D 70 6.14 12.58 8.48
CA ILE D 70 5.66 12.74 7.10
C ILE D 70 4.31 12.04 6.98
N SER D 71 3.38 12.71 6.29
CA SER D 71 2.04 12.15 6.08
C SER D 71 1.59 12.61 4.70
N LYS D 72 0.45 12.07 4.23
CA LYS D 72 -0.01 12.40 2.88
C LYS D 72 -1.52 12.45 2.80
N ASN D 73 -1.98 13.31 1.88
CA ASN D 73 -3.39 13.33 1.44
C ASN D 73 -3.42 12.87 -0.01
N ASP D 74 -3.71 11.58 -0.21
CA ASP D 74 -3.68 11.00 -1.55
C ASP D 74 -4.71 11.63 -2.47
N ALA D 75 -5.91 11.99 -1.93
CA ALA D 75 -6.98 12.50 -2.76
C ALA D 75 -6.62 13.85 -3.41
N LYS D 76 -5.74 14.63 -2.78
CA LYS D 76 -5.30 15.92 -3.31
C LYS D 76 -3.80 15.95 -3.72
N ASN D 77 -3.08 14.82 -3.67
CA ASN D 77 -1.64 14.79 -4.05
C ASN D 77 -0.82 15.76 -3.20
N ILE D 78 -1.03 15.72 -1.90
CA ILE D 78 -0.30 16.56 -0.99
C ILE D 78 0.49 15.70 -0.01
N VAL D 79 1.77 16.02 0.20
CA VAL D 79 2.51 15.40 1.30
C VAL D 79 2.89 16.48 2.28
N TRP D 80 2.82 16.15 3.56
CA TRP D 80 3.10 17.11 4.66
C TRP D 80 4.37 16.68 5.40
N LEU D 81 5.08 17.64 5.96
CA LEU D 81 6.16 17.36 6.91
C LEU D 81 5.89 18.16 8.19
N GLN D 82 5.48 17.45 9.26
CA GLN D 82 5.33 18.07 10.57
C GLN D 82 6.67 18.06 11.29
N MET D 83 7.16 19.25 11.68
CA MET D 83 8.44 19.41 12.40
C MET D 83 8.21 19.95 13.82
N ASN D 84 8.58 19.18 14.84
CA ASN D 84 8.46 19.59 16.23
C ASN D 84 9.84 19.78 16.88
N ASN D 85 9.84 20.49 18.01
CA ASN D 85 11.03 20.76 18.80
C ASN D 85 12.20 21.20 17.90
N LEU D 86 11.96 22.25 17.11
CA LEU D 86 12.98 22.74 16.21
C LEU D 86 14.18 23.29 16.96
N THR D 87 15.38 23.14 16.36
CA THR D 87 16.58 23.78 16.90
C THR D 87 17.22 24.57 15.76
N THR D 88 18.20 25.42 16.06
CA THR D 88 18.92 26.10 14.97
C THR D 88 19.59 25.11 14.02
N GLU D 89 19.86 23.88 14.46
CA GLU D 89 20.40 22.88 13.54
C GLU D 89 19.41 22.43 12.47
N ASP D 90 18.14 22.81 12.60
CA ASP D 90 17.11 22.50 11.60
C ASP D 90 16.99 23.60 10.53
N THR D 91 17.74 24.71 10.65
CA THR D 91 17.69 25.76 9.64
C THR D 91 18.20 25.26 8.31
N ALA D 92 17.38 25.45 7.27
CA ALA D 92 17.77 24.78 6.02
C ALA D 92 16.79 25.23 4.95
N VAL D 93 17.14 24.94 3.67
CA VAL D 93 16.13 24.90 2.60
C VAL D 93 15.58 23.48 2.55
N TYR D 94 14.25 23.33 2.54
CA TYR D 94 13.61 22.01 2.51
C TYR D 94 13.00 21.82 1.16
N TYR D 95 13.20 20.62 0.59
CA TYR D 95 12.77 20.28 -0.75
C TYR D 95 11.91 19.03 -0.73
N CYS D 96 10.88 19.05 -1.56
CA CYS D 96 10.02 17.92 -1.88
C CYS D 96 10.60 17.19 -3.11
N ARG D 97 10.47 15.86 -3.15
CA ARG D 97 10.97 15.08 -4.31
C ARG D 97 10.06 13.87 -4.55
N SER D 98 9.79 13.57 -5.83
CA SER D 98 8.92 12.44 -6.15
C SER D 98 9.77 11.25 -6.61
N GLY D 99 9.17 10.07 -6.55
CA GLY D 99 9.85 8.90 -7.07
C GLY D 99 8.90 7.90 -7.69
N VAL D 100 9.42 7.13 -8.68
CA VAL D 100 8.70 6.05 -9.30
C VAL D 100 9.48 4.78 -8.99
N LEU D 101 8.95 3.98 -8.08
CA LEU D 101 9.64 2.75 -7.68
C LEU D 101 9.13 1.64 -8.58
N GLY D 102 10.08 0.85 -9.08
CA GLY D 102 9.85 -0.07 -10.16
C GLY D 102 9.53 -1.47 -9.69
N SER D 103 9.80 -2.48 -10.54
CA SER D 103 9.41 -3.82 -10.14
C SER D 103 10.43 -4.45 -9.18
N TRP D 104 10.02 -5.50 -8.52
CA TRP D 104 10.89 -6.23 -7.62
C TRP D 104 11.49 -7.39 -8.36
N GLY D 105 12.48 -8.02 -7.76
CA GLY D 105 12.94 -9.29 -8.31
C GLY D 105 12.02 -10.40 -7.81
N LEU D 106 12.42 -11.63 -8.11
CA LEU D 106 11.70 -12.80 -7.64
C LEU D 106 11.93 -13.08 -6.15
N GLY D 107 12.96 -12.50 -5.53
CA GLY D 107 13.21 -12.75 -4.11
C GLY D 107 14.17 -13.91 -3.85
N THR D 108 14.78 -13.91 -2.66
CA THR D 108 15.67 -14.99 -2.22
C THR D 108 15.31 -15.31 -0.78
N GLN D 109 15.10 -16.58 -0.49
CA GLN D 109 14.67 -16.99 0.86
C GLN D 109 15.87 -16.96 1.80
N VAL D 110 15.62 -16.40 3.02
CA VAL D 110 16.62 -16.39 4.06
C VAL D 110 15.95 -17.07 5.26
N THR D 111 16.53 -18.17 5.72
CA THR D 111 15.98 -18.93 6.84
C THR D 111 17.02 -18.98 7.92
N VAL D 112 16.66 -18.51 9.12
CA VAL D 112 17.59 -18.46 10.25
C VAL D 112 17.20 -19.52 11.26
N SER D 113 18.15 -20.38 11.60
CA SER D 113 17.78 -21.45 12.51
C SER D 113 17.94 -21.03 13.97
N SER D 114 17.40 -21.87 14.83
CA SER D 114 17.51 -21.77 16.28
C SER D 114 16.84 -20.48 16.68
C10 7V7 E . -5.33 5.23 10.44
C13 7V7 E . -3.71 8.00 12.26
C15 7V7 E . -4.70 10.03 11.17
C17 7V7 E . -6.25 11.45 12.36
C20 7V7 E . -8.00 5.33 6.95
C21 7V7 E . -9.07 5.03 7.80
C22 7V7 E . -10.22 5.83 7.78
C24 7V7 E . -9.25 7.24 6.05
C02 7V7 E . -6.76 3.43 6.11
C03 7V7 E . -8.00 3.14 5.28
C04 7V7 E . -7.74 2.45 3.98
C06 7V7 E . -5.81 4.81 7.94
C07 7V7 E . -5.38 6.27 7.76
C08 7V7 E . -4.36 6.63 8.82
C11 7V7 E . -6.25 4.64 9.38
C12 7V7 E . -4.02 7.13 11.05
C14 7V7 E . -4.59 9.20 12.28
C16 7V7 E . -5.52 11.13 11.22
C18 7V7 E . -6.12 10.63 13.47
C19 7V7 E . -5.30 9.52 13.42
C23 7V7 E . -10.27 6.94 6.94
C25 7V7 E . -8.14 6.40 6.09
N05 7V7 E . -6.89 4.47 6.99
N09 7V7 E . -5.01 6.61 10.12
O01 7V7 E . -5.74 2.74 6.01
C10 7V7 F . 23.30 3.10 -13.80
C13 7V7 F . 25.70 2.00 -16.42
C15 7V7 F . 25.39 -0.32 -17.29
C17 7V7 F . 26.49 -2.25 -16.34
C20 7V7 F . 22.73 1.27 -9.78
C21 7V7 F . 21.63 0.49 -10.16
C22 7V7 F . 21.63 -0.86 -9.91
C24 7V7 F . 23.82 -0.75 -8.80
C02 7V7 F . 22.38 3.57 -9.10
C03 7V7 F . 21.78 2.89 -7.90
C04 7V7 F . 21.70 3.83 -6.71
C06 7V7 F . 23.33 3.14 -11.30
C07 7V7 F . 24.81 2.76 -11.39
C08 7V7 F . 25.40 3.01 -12.77
C11 7V7 F . 22.62 2.59 -12.53
C12 7V7 F . 25.29 2.57 -15.07
C14 7V7 F . 25.99 0.54 -16.38
C16 7V7 F . 25.63 -1.69 -17.27
C18 7V7 F . 27.10 -1.39 -15.45
C19 7V7 F . 26.86 -0.03 -15.46
C23 7V7 F . 22.70 -1.43 -9.24
C25 7V7 F . 23.73 0.60 -9.10
N05 7V7 F . 22.74 2.65 -10.06
N09 7V7 F . 24.58 2.40 -13.81
O01 7V7 F . 22.53 4.79 -9.23
C10 7V7 G . -17.28 -18.06 10.70
C13 7V7 G . -17.85 -20.56 12.88
C15 7V7 G . -17.72 -22.63 11.49
C17 7V7 G . -16.00 -24.26 11.82
C20 7V7 G . -15.94 -17.64 6.57
C21 7V7 G . -14.60 -17.46 6.89
C22 7V7 G . -13.61 -18.24 6.33
C24 7V7 G . -15.27 -19.46 4.98
C02 7V7 G . -17.33 -15.67 6.64
C03 7V7 G . -16.55 -15.30 5.43
C04 7V7 G . -17.32 -14.23 4.67
C06 7V7 G . -17.64 -17.36 8.35
C07 7V7 G . -18.26 -18.72 8.08
C08 7V7 G . -18.77 -19.38 9.36
C11 7V7 G . -16.66 -17.43 9.48
C12 7V7 G . -18.41 -19.91 11.64
C14 7V7 G . -17.21 -21.86 12.52
C16 7V7 G . -17.13 -23.83 11.15
C18 7V7 G . -15.48 -23.49 12.85
C19 7V7 G . -16.08 -22.30 13.19
C23 7V7 G . -13.98 -19.19 5.41
C25 7V7 G . -16.16 -18.62 5.62
N05 7V7 G . -16.91 -16.84 7.21
N09 7V7 G . -17.76 -19.41 10.42
O01 7V7 G . -18.26 -15.00 7.06
C10 7V7 H . -1.03 9.57 -7.59
C13 7V7 H . -4.28 10.63 -8.86
C15 7V7 H . -4.60 13.01 -9.56
C17 7V7 H . -5.35 14.65 -8.03
C20 7V7 H . 1.13 10.82 -3.95
C21 7V7 H . 1.93 11.68 -4.70
C22 7V7 H . 2.14 12.99 -4.33
C24 7V7 H . 0.84 12.65 -2.40
C02 7V7 H . 1.70 8.48 -3.89
C03 7V7 H . 2.89 8.90 -3.06
C04 7V7 H . 3.35 7.98 -1.93
C06 7V7 H . -0.16 9.19 -5.27
C07 7V7 H . -1.44 9.74 -4.66
C08 7V7 H . -2.55 9.56 -5.69
C11 7V7 H . 0.11 9.79 -6.64
C12 7V7 H . -3.35 10.17 -7.76
C14 7V7 H . -4.65 12.04 -8.57
C16 7V7 H . -4.95 14.31 -9.30
C18 7V7 H . -5.41 13.69 -7.03
C19 7V7 H . -5.05 12.38 -7.30
C23 7V7 H . 1.62 13.49 -3.17
C25 7V7 H . 0.64 11.35 -2.79
N05 7V7 H . 0.97 9.50 -4.41
N09 7V7 H . -2.16 10.23 -6.92
O01 7V7 H . 1.46 7.29 -4.07
C1 EDO I . 12.52 8.95 -1.56
O1 EDO I . 11.37 8.55 -2.31
C2 EDO I . 12.84 10.35 -2.06
O2 EDO I . 11.89 10.53 -3.12
#